data_3H64
#
_entry.id   3H64
#
_cell.length_a   154.553
_cell.length_b   41.463
_cell.length_c   95.614
_cell.angle_alpha   90.00
_cell.angle_beta   96.78
_cell.angle_gamma   90.00
#
_symmetry.space_group_name_H-M   'C 1 2 1'
#
loop_
_entity.id
_entity.type
_entity.pdbx_description
1 polymer 'Serine/threonine-protein phosphatase 5'
2 non-polymer 'MANGANESE (II) ION'
3 non-polymer '(1R,2S,3R,4S)-7-oxabicyclo[2.2.1]heptane-2,3-dicarboxylic acid'
4 water water
#
_entity_poly.entity_id   1
_entity_poly.type   'polypeptide(L)'
_entity_poly.pdbx_seq_one_letter_code
;YSGPKLEDGKVTISFMKELMQWYKDQKKLHRKCAYQILVQVKEVLSKLSTLVETTLKETEKITVCGDTHGQFYDLLNIFE
LNGLPSETNPYIFNGDFVDRGSFSVEVILTLFGFKLLYPDHFHLLRGNHETDNMNQIYGFEGEVKAKYTAQMYELFSEVF
EWLPLAQCINGKVLIMHGGLFSEDGVTLDDIRKIERNRQPPDSGPMCDLLWSDPQPQNGRSISKRGVSCQFGPDVTKAFL
EENNLDYIIRSHEVKAEGYEVAHGGRCVTVFSAPNYCDQMGNKASYIHLQGSDLRPQFHQFTAVPHPNVKPMAYA
;
_entity_poly.pdbx_strand_id   A,D
#
loop_
_chem_comp.id
_chem_comp.type
_chem_comp.name
_chem_comp.formula
ENL non-polymer '(1R,2S,3R,4S)-7-oxabicyclo[2.2.1]heptane-2,3-dicarboxylic acid' 'C8 H10 O5'
MN non-polymer 'MANGANESE (II) ION' 'Mn 2'
#
# COMPACT_ATOMS: atom_id res chain seq x y z
N TYR A 1 -37.19 -19.51 -7.96
CA TYR A 1 -35.76 -19.92 -7.81
C TYR A 1 -35.46 -21.05 -8.78
N SER A 2 -34.67 -20.76 -9.80
CA SER A 2 -34.25 -21.80 -10.73
C SER A 2 -32.74 -22.07 -10.64
N GLY A 3 -32.17 -21.82 -9.45
CA GLY A 3 -30.72 -21.98 -9.19
C GLY A 3 -30.29 -23.41 -8.93
N PRO A 4 -28.98 -23.62 -8.63
CA PRO A 4 -28.53 -25.00 -8.38
C PRO A 4 -29.24 -25.66 -7.18
N LYS A 5 -29.54 -26.94 -7.35
CA LYS A 5 -30.20 -27.68 -6.28
C LYS A 5 -29.38 -28.94 -6.07
N LEU A 6 -29.22 -29.33 -4.82
CA LEU A 6 -28.58 -30.58 -4.44
C LEU A 6 -29.46 -31.73 -4.90
N GLU A 7 -28.86 -32.84 -5.28
CA GLU A 7 -29.59 -34.04 -5.68
C GLU A 7 -29.69 -34.95 -4.47
N ASP A 8 -30.93 -35.20 -4.03
CA ASP A 8 -31.20 -35.99 -2.85
C ASP A 8 -30.33 -35.51 -1.69
N GLY A 9 -30.28 -34.21 -1.51
CA GLY A 9 -29.61 -33.56 -0.36
C GLY A 9 -28.09 -33.48 -0.45
N LYS A 10 -27.52 -33.90 -1.58
CA LYS A 10 -26.06 -34.07 -1.71
C LYS A 10 -25.48 -33.40 -2.93
N VAL A 11 -24.22 -33.01 -2.78
CA VAL A 11 -23.45 -32.39 -3.82
C VAL A 11 -23.11 -33.48 -4.83
N THR A 12 -23.24 -33.13 -6.09
CA THR A 12 -22.83 -33.93 -7.19
C THR A 12 -21.95 -33.06 -8.06
N ILE A 13 -21.25 -33.69 -8.98
CA ILE A 13 -20.47 -32.94 -9.94
C ILE A 13 -21.32 -32.00 -10.80
N SER A 14 -22.52 -32.41 -11.18
CA SER A 14 -23.30 -31.42 -11.96
C SER A 14 -23.81 -30.21 -11.14
N PHE A 15 -24.11 -30.40 -9.85
CA PHE A 15 -24.42 -29.31 -8.94
C PHE A 15 -23.23 -28.36 -8.88
N MET A 16 -22.04 -28.90 -8.75
CA MET A 16 -20.81 -28.02 -8.67
C MET A 16 -20.61 -27.20 -9.93
N LYS A 17 -20.83 -27.81 -11.12
CA LYS A 17 -20.73 -27.04 -12.36
C LYS A 17 -21.82 -25.97 -12.41
N GLU A 18 -23.06 -26.30 -12.06
CA GLU A 18 -24.15 -25.30 -12.04
C GLU A 18 -23.83 -24.18 -11.05
N LEU A 19 -23.38 -24.56 -9.86
CA LEU A 19 -22.98 -23.56 -8.85
C LEU A 19 -21.90 -22.59 -9.33
N MET A 20 -20.84 -23.11 -9.94
CA MET A 20 -19.80 -22.21 -10.44
C MET A 20 -20.33 -21.23 -11.53
N GLN A 21 -21.15 -21.74 -12.46
CA GLN A 21 -21.77 -20.83 -13.49
C GLN A 21 -22.70 -19.81 -12.83
N TRP A 22 -23.48 -20.27 -11.86
CA TRP A 22 -24.42 -19.39 -11.11
C TRP A 22 -23.69 -18.22 -10.45
N TYR A 23 -22.58 -18.56 -9.77
CA TYR A 23 -21.72 -17.60 -9.09
C TYR A 23 -20.99 -16.74 -10.12
N LYS A 24 -20.49 -17.37 -11.20
CA LYS A 24 -19.91 -16.58 -12.28
C LYS A 24 -20.85 -15.43 -12.69
N ASP A 25 -22.16 -15.71 -12.79
CA ASP A 25 -23.15 -14.73 -13.26
C ASP A 25 -23.70 -13.91 -12.11
N GLN A 26 -23.01 -13.95 -10.97
CA GLN A 26 -23.29 -13.12 -9.80
C GLN A 26 -24.64 -13.39 -9.11
N LYS A 27 -25.05 -14.66 -9.08
CA LYS A 27 -26.32 -14.97 -8.46
C LYS A 27 -26.05 -15.68 -7.13
N LYS A 28 -27.06 -15.72 -6.26
CA LYS A 28 -26.85 -16.25 -4.92
C LYS A 28 -27.40 -17.67 -4.79
N LEU A 29 -26.66 -18.54 -4.11
CA LEU A 29 -27.13 -19.90 -3.83
C LEU A 29 -28.21 -19.77 -2.77
N HIS A 30 -29.32 -20.49 -2.93
CA HIS A 30 -30.38 -20.44 -1.91
C HIS A 30 -29.86 -20.79 -0.50
N ARG A 31 -30.34 -20.07 0.51
CA ARG A 31 -29.88 -20.29 1.88
C ARG A 31 -30.00 -21.74 2.38
N LYS A 32 -31.04 -22.45 1.95
CA LYS A 32 -31.24 -23.84 2.39
C LYS A 32 -30.20 -24.75 1.80
N CYS A 33 -29.79 -24.46 0.57
CA CYS A 33 -28.69 -25.18 -0.04
C CYS A 33 -27.35 -24.79 0.62
N ALA A 34 -27.15 -23.51 0.93
CA ALA A 34 -25.89 -23.10 1.58
C ALA A 34 -25.83 -23.71 2.96
N TYR A 35 -26.99 -23.77 3.65
CA TYR A 35 -27.03 -24.34 4.98
C TYR A 35 -26.68 -25.83 4.96
N GLN A 36 -27.22 -26.58 4.00
CA GLN A 36 -26.91 -28.02 3.90
C GLN A 36 -25.43 -28.33 3.63
N ILE A 37 -24.82 -27.53 2.79
CA ILE A 37 -23.38 -27.65 2.54
C ILE A 37 -22.61 -27.40 3.84
N LEU A 38 -22.96 -26.34 4.57
CA LEU A 38 -22.25 -26.04 5.81
C LEU A 38 -22.41 -27.13 6.88
N VAL A 39 -23.65 -27.57 7.16
CA VAL A 39 -23.77 -28.65 8.18
C VAL A 39 -23.09 -29.95 7.71
N GLN A 40 -23.20 -30.26 6.43
CA GLN A 40 -22.54 -31.48 5.98
C GLN A 40 -21.00 -31.33 6.00
N VAL A 41 -20.46 -30.18 5.58
CA VAL A 41 -18.99 -30.10 5.55
C VAL A 41 -18.42 -29.99 6.99
N LYS A 42 -19.23 -29.48 7.93
CA LYS A 42 -18.81 -29.43 9.32
C LYS A 42 -18.61 -30.85 9.81
N GLU A 43 -19.54 -31.73 9.44
CA GLU A 43 -19.41 -33.12 9.89
C GLU A 43 -18.17 -33.83 9.32
N VAL A 44 -17.89 -33.63 8.04
CA VAL A 44 -16.68 -34.19 7.34
C VAL A 44 -15.41 -33.63 7.99
N LEU A 45 -15.39 -32.34 8.25
CA LEU A 45 -14.17 -31.73 8.79
C LEU A 45 -13.91 -32.15 10.23
N SER A 46 -14.97 -32.26 11.03
CA SER A 46 -14.85 -32.63 12.45
C SER A 46 -14.27 -34.03 12.67
N LYS A 47 -14.26 -34.87 11.64
CA LYS A 47 -13.66 -36.22 11.75
C LYS A 47 -12.17 -36.24 11.37
N LEU A 48 -11.66 -35.14 10.86
CA LEU A 48 -10.26 -35.14 10.43
C LEU A 48 -9.31 -34.90 11.63
N SER A 49 -8.10 -35.46 11.58
CA SER A 49 -7.01 -35.09 12.47
C SER A 49 -6.64 -33.62 12.26
N THR A 50 -6.07 -32.98 13.27
CA THR A 50 -5.53 -31.62 13.12
C THR A 50 -4.37 -31.63 12.10
N LEU A 51 -3.64 -32.74 12.08
CA LEU A 51 -2.67 -32.97 11.03
C LEU A 51 -3.17 -34.03 10.04
N VAL A 52 -3.49 -33.61 8.82
CA VAL A 52 -3.93 -34.55 7.77
C VAL A 52 -2.70 -35.23 7.16
N GLU A 53 -2.70 -36.55 7.14
CA GLU A 53 -1.57 -37.25 6.59
C GLU A 53 -2.03 -37.93 5.33
N THR A 54 -1.32 -37.68 4.23
CA THR A 54 -1.72 -38.02 2.88
C THR A 54 -0.55 -38.77 2.26
N THR A 55 -0.87 -39.91 1.61
CA THR A 55 0.13 -40.66 0.89
C THR A 55 -0.10 -40.44 -0.58
N LEU A 56 0.96 -40.14 -1.31
CA LEU A 56 0.87 -40.01 -2.74
C LEU A 56 1.67 -41.18 -3.31
N LYS A 57 1.03 -42.05 -4.07
CA LYS A 57 1.73 -43.14 -4.76
C LYS A 57 2.54 -42.55 -5.90
N GLU A 58 3.43 -43.36 -6.45
CA GLU A 58 4.39 -42.90 -7.45
C GLU A 58 3.73 -42.17 -8.60
N THR A 59 2.54 -42.60 -8.99
CA THR A 59 1.90 -42.04 -10.17
C THR A 59 0.83 -41.00 -9.83
N GLU A 60 0.75 -40.60 -8.56
CA GLU A 60 -0.32 -39.69 -8.14
C GLU A 60 0.23 -38.31 -7.99
N LYS A 61 -0.57 -37.29 -8.30
CA LYS A 61 -0.13 -35.92 -8.16
C LYS A 61 -1.05 -35.19 -7.18
N ILE A 62 -0.63 -34.00 -6.77
CA ILE A 62 -1.49 -33.11 -6.00
C ILE A 62 -1.11 -31.70 -6.34
N THR A 63 -2.07 -30.78 -6.25
CA THR A 63 -1.87 -29.37 -6.53
C THR A 63 -2.07 -28.62 -5.19
N VAL A 64 -1.17 -27.70 -4.87
CA VAL A 64 -1.21 -26.95 -3.62
C VAL A 64 -1.37 -25.50 -4.02
N CYS A 65 -2.48 -24.89 -3.57
CA CYS A 65 -2.71 -23.47 -3.79
C CYS A 65 -2.58 -22.70 -2.47
N GLY A 66 -2.18 -21.42 -2.56
CA GLY A 66 -2.06 -20.59 -1.38
C GLY A 66 -3.32 -19.76 -1.21
N ASP A 67 -3.19 -18.59 -0.58
CA ASP A 67 -4.36 -17.74 -0.28
C ASP A 67 -5.13 -17.44 -1.56
N THR A 68 -6.47 -17.35 -1.43
CA THR A 68 -7.36 -16.97 -2.51
C THR A 68 -8.19 -15.69 -2.22
N HIS A 69 -8.49 -15.41 -0.94
CA HIS A 69 -9.06 -14.09 -0.57
C HIS A 69 -10.27 -13.60 -1.39
N GLY A 70 -11.22 -14.54 -1.58
CA GLY A 70 -12.54 -14.25 -2.15
C GLY A 70 -12.42 -13.78 -3.58
N GLN A 71 -11.33 -14.20 -4.24
CA GLN A 71 -11.09 -13.83 -5.62
C GLN A 71 -11.63 -14.95 -6.48
N PHE A 72 -12.96 -14.98 -6.56
CA PHE A 72 -13.64 -16.15 -7.10
C PHE A 72 -13.37 -16.39 -8.60
N TYR A 73 -13.25 -15.32 -9.35
CA TYR A 73 -12.95 -15.42 -10.79
C TYR A 73 -11.55 -15.95 -11.04
N ASP A 74 -10.60 -15.61 -10.16
CA ASP A 74 -9.27 -16.17 -10.17
C ASP A 74 -9.27 -17.64 -9.77
N LEU A 75 -10.08 -18.00 -8.78
CA LEU A 75 -10.30 -19.44 -8.48
C LEU A 75 -10.82 -20.23 -9.71
N LEU A 76 -11.86 -19.75 -10.37
CA LEU A 76 -12.35 -20.39 -11.63
C LEU A 76 -11.20 -20.51 -12.63
N ASN A 77 -10.38 -19.48 -12.75
CA ASN A 77 -9.18 -19.52 -13.60
C ASN A 77 -8.26 -20.66 -13.21
N ILE A 78 -8.00 -20.82 -11.90
CA ILE A 78 -7.19 -21.96 -11.47
C ILE A 78 -7.77 -23.26 -11.99
N PHE A 79 -9.08 -23.43 -11.84
CA PHE A 79 -9.69 -24.71 -12.25
C PHE A 79 -9.67 -24.92 -13.78
N GLU A 80 -9.76 -23.83 -14.50
CA GLU A 80 -9.66 -23.87 -15.95
C GLU A 80 -8.23 -24.19 -16.40
N LEU A 81 -7.25 -23.62 -15.71
CA LEU A 81 -5.85 -23.81 -16.04
C LEU A 81 -5.42 -25.21 -15.68
N ASN A 82 -5.95 -25.73 -14.58
CA ASN A 82 -5.35 -26.89 -13.97
C ASN A 82 -6.29 -28.07 -13.87
N GLY A 83 -7.52 -27.86 -14.34
CA GLY A 83 -8.59 -28.85 -14.31
C GLY A 83 -9.45 -28.78 -13.04
N LEU A 84 -10.70 -29.21 -13.15
CA LEU A 84 -11.54 -29.38 -11.97
C LEU A 84 -10.95 -30.39 -11.01
N PRO A 85 -11.19 -30.17 -9.71
CA PRO A 85 -10.80 -31.16 -8.71
C PRO A 85 -11.42 -32.49 -9.06
N SER A 86 -10.72 -33.56 -8.74
CA SER A 86 -11.34 -34.88 -8.86
C SER A 86 -10.48 -35.88 -8.10
N GLU A 87 -10.89 -37.15 -8.10
CA GLU A 87 -10.04 -38.20 -7.51
C GLU A 87 -8.66 -38.34 -8.13
N THR A 88 -8.49 -37.90 -9.36
CA THR A 88 -7.17 -38.02 -10.04
C THR A 88 -6.60 -36.61 -10.27
N ASN A 89 -7.27 -35.62 -9.71
CA ASN A 89 -6.75 -34.26 -9.76
C ASN A 89 -6.92 -33.60 -8.40
N PRO A 90 -6.24 -34.10 -7.40
CA PRO A 90 -6.49 -33.59 -6.04
C PRO A 90 -5.90 -32.20 -5.79
N TYR A 91 -6.50 -31.50 -4.83
CA TYR A 91 -6.09 -30.16 -4.47
C TYR A 91 -5.92 -29.98 -2.96
N ILE A 92 -5.04 -29.05 -2.60
CA ILE A 92 -4.94 -28.53 -1.22
C ILE A 92 -5.03 -26.99 -1.34
N PHE A 93 -5.97 -26.39 -0.63
CA PHE A 93 -6.04 -24.90 -0.54
C PHE A 93 -5.60 -24.55 0.87
N ASN A 94 -4.49 -23.82 0.93
CA ASN A 94 -3.70 -23.62 2.15
C ASN A 94 -4.12 -22.31 2.84
N GLY A 95 -5.39 -22.24 3.23
CA GLY A 95 -5.92 -21.20 4.10
C GLY A 95 -6.23 -19.90 3.39
N ASP A 96 -6.84 -18.98 4.12
CA ASP A 96 -7.16 -17.65 3.65
C ASP A 96 -7.97 -17.63 2.37
N PHE A 97 -9.12 -18.35 2.40
CA PHE A 97 -10.09 -18.40 1.32
C PHE A 97 -10.94 -17.15 1.26
N VAL A 98 -11.07 -16.48 2.42
CA VAL A 98 -12.02 -15.39 2.59
C VAL A 98 -11.37 -14.11 3.07
N ASP A 99 -12.17 -13.03 3.09
CA ASP A 99 -11.76 -11.67 3.49
C ASP A 99 -10.97 -11.00 2.36
N ARG A 100 -10.98 -9.67 2.32
CA ARG A 100 -10.24 -8.86 1.35
C ARG A 100 -10.94 -8.73 -0.01
N GLY A 101 -11.10 -9.85 -0.70
CA GLY A 101 -11.85 -9.92 -1.94
C GLY A 101 -13.36 -9.84 -1.74
N SER A 102 -14.05 -9.53 -2.82
CA SER A 102 -15.48 -9.26 -2.77
C SER A 102 -16.36 -10.45 -3.00
N PHE A 103 -15.78 -11.61 -3.31
CA PHE A 103 -16.57 -12.79 -3.61
C PHE A 103 -16.14 -13.92 -2.67
N SER A 104 -16.00 -13.58 -1.39
CA SER A 104 -15.61 -14.58 -0.35
C SER A 104 -16.67 -15.70 -0.19
N VAL A 105 -17.96 -15.33 -0.21
CA VAL A 105 -19.04 -16.32 -0.14
C VAL A 105 -18.96 -17.33 -1.30
N GLU A 106 -18.70 -16.82 -2.50
CA GLU A 106 -18.66 -17.67 -3.65
C GLU A 106 -17.46 -18.61 -3.57
N VAL A 107 -16.28 -18.07 -3.21
CA VAL A 107 -15.10 -18.93 -3.05
C VAL A 107 -15.36 -20.02 -2.01
N ILE A 108 -15.81 -19.59 -0.83
CA ILE A 108 -15.83 -20.57 0.26
C ILE A 108 -16.88 -21.70 0.01
N LEU A 109 -18.05 -21.34 -0.49
CA LEU A 109 -19.06 -22.39 -0.76
C LEU A 109 -18.69 -23.32 -1.93
N THR A 110 -18.01 -22.76 -2.94
CA THR A 110 -17.40 -23.61 -4.02
C THR A 110 -16.38 -24.57 -3.41
N LEU A 111 -15.43 -24.06 -2.62
CA LEU A 111 -14.49 -24.98 -1.93
C LEU A 111 -15.16 -26.02 -1.02
N PHE A 112 -16.13 -25.56 -0.20
CA PHE A 112 -16.85 -26.52 0.65
C PHE A 112 -17.62 -27.57 -0.20
N GLY A 113 -18.23 -27.13 -1.32
CA GLY A 113 -18.90 -28.06 -2.23
C GLY A 113 -17.95 -29.16 -2.75
N PHE A 114 -16.76 -28.78 -3.21
CA PHE A 114 -15.75 -29.79 -3.62
C PHE A 114 -15.18 -30.63 -2.47
N LYS A 115 -15.13 -30.09 -1.25
CA LYS A 115 -14.70 -30.93 -0.12
C LYS A 115 -15.76 -32.01 0.09
N LEU A 116 -17.05 -31.65 -0.05
CA LEU A 116 -18.13 -32.67 0.10
C LEU A 116 -18.10 -33.69 -1.05
N LEU A 117 -17.78 -33.22 -2.25
CA LEU A 117 -17.79 -34.04 -3.47
C LEU A 117 -16.60 -34.98 -3.52
N TYR A 118 -15.39 -34.51 -3.17
CA TYR A 118 -14.20 -35.42 -3.18
C TYR A 118 -13.42 -35.34 -1.84
N PRO A 119 -14.03 -35.86 -0.76
CA PRO A 119 -13.45 -35.63 0.58
C PRO A 119 -12.05 -36.18 0.76
N ASP A 120 -11.70 -37.27 0.10
CA ASP A 120 -10.34 -37.81 0.21
C ASP A 120 -9.30 -37.11 -0.73
N HIS A 121 -9.72 -36.18 -1.58
CA HIS A 121 -8.85 -35.67 -2.63
C HIS A 121 -9.00 -34.17 -2.77
N PHE A 122 -9.72 -33.56 -1.83
CA PHE A 122 -9.84 -32.12 -1.85
C PHE A 122 -9.64 -31.68 -0.39
N HIS A 123 -8.61 -30.87 -0.16
CA HIS A 123 -8.14 -30.61 1.23
C HIS A 123 -8.16 -29.15 1.48
N LEU A 124 -8.75 -28.74 2.61
CA LEU A 124 -8.76 -27.34 2.97
C LEU A 124 -8.00 -27.20 4.31
N LEU A 125 -7.03 -26.29 4.37
CA LEU A 125 -6.29 -26.00 5.62
C LEU A 125 -6.66 -24.64 6.12
N ARG A 126 -6.64 -24.45 7.46
CA ARG A 126 -7.11 -23.18 8.01
C ARG A 126 -6.05 -22.13 7.85
N GLY A 127 -6.46 -20.88 7.53
CA GLY A 127 -5.48 -19.79 7.54
C GLY A 127 -5.85 -18.83 8.66
N ASN A 128 -5.08 -17.75 8.81
CA ASN A 128 -5.38 -16.76 9.85
C ASN A 128 -6.69 -16.01 9.62
N HIS A 129 -7.14 -15.97 8.35
CA HIS A 129 -8.43 -15.39 8.05
C HIS A 129 -9.67 -16.27 8.28
N GLU A 130 -9.49 -17.55 8.56
CA GLU A 130 -10.67 -18.33 8.87
C GLU A 130 -10.93 -18.30 10.40
N THR A 131 -11.17 -17.09 10.90
CA THR A 131 -11.30 -16.78 12.34
C THR A 131 -12.25 -15.60 12.51
N ASP A 132 -12.95 -15.60 13.65
CA ASP A 132 -13.96 -14.53 13.89
C ASP A 132 -13.43 -13.11 13.82
N ASN A 133 -12.43 -12.87 14.64
CA ASN A 133 -11.67 -11.61 14.69
C ASN A 133 -11.38 -11.00 13.37
N MET A 134 -10.69 -11.79 12.55
CA MET A 134 -10.33 -11.32 11.22
C MET A 134 -11.59 -11.05 10.36
N ASN A 135 -12.55 -11.97 10.38
CA ASN A 135 -13.74 -11.89 9.53
C ASN A 135 -14.57 -10.64 9.84
N GLN A 136 -14.58 -10.23 11.12
CA GLN A 136 -15.34 -9.03 11.52
C GLN A 136 -14.76 -7.77 10.95
N ILE A 137 -13.45 -7.75 10.73
CA ILE A 137 -12.73 -6.56 10.31
C ILE A 137 -12.50 -6.54 8.81
N TYR A 138 -12.22 -7.69 8.23
CA TYR A 138 -11.69 -7.67 6.85
C TYR A 138 -12.66 -8.11 5.76
N GLY A 139 -13.95 -8.18 6.10
CA GLY A 139 -14.98 -8.19 5.06
C GLY A 139 -15.91 -9.40 5.01
N PHE A 140 -15.49 -10.54 5.53
CA PHE A 140 -16.28 -11.76 5.32
C PHE A 140 -17.58 -11.76 6.13
N GLU A 141 -17.49 -11.39 7.41
CA GLU A 141 -18.71 -11.21 8.22
C GLU A 141 -19.71 -10.24 7.53
N GLY A 142 -19.19 -9.10 7.10
CA GLY A 142 -19.99 -8.10 6.37
C GLY A 142 -20.66 -8.66 5.10
N GLU A 143 -19.87 -9.36 4.27
CA GLU A 143 -20.42 -10.05 3.09
C GLU A 143 -21.50 -11.13 3.42
N VAL A 144 -21.23 -11.99 4.39
CA VAL A 144 -22.22 -13.04 4.73
C VAL A 144 -23.50 -12.39 5.31
N LYS A 145 -23.38 -11.40 6.17
CA LYS A 145 -24.61 -10.72 6.67
C LYS A 145 -25.43 -10.08 5.52
N ALA A 146 -24.74 -9.47 4.55
CA ALA A 146 -25.45 -8.80 3.44
C ALA A 146 -26.19 -9.82 2.57
N LYS A 147 -25.52 -10.93 2.22
CA LYS A 147 -26.09 -11.91 1.29
C LYS A 147 -27.02 -12.88 2.00
N TYR A 148 -26.72 -13.20 3.26
CA TYR A 148 -27.54 -14.08 4.06
C TYR A 148 -27.91 -13.41 5.38
N THR A 149 -27.46 -13.97 6.50
CA THR A 149 -27.81 -13.46 7.85
C THR A 149 -26.67 -13.65 8.84
N ALA A 150 -26.73 -12.93 9.98
CA ALA A 150 -25.76 -13.18 11.03
C ALA A 150 -25.77 -14.65 11.43
N GLN A 151 -26.93 -15.30 11.40
CA GLN A 151 -26.91 -16.71 11.80
C GLN A 151 -26.13 -17.59 10.84
N MET A 152 -26.21 -17.28 9.56
CA MET A 152 -25.39 -18.01 8.60
C MET A 152 -23.91 -17.77 8.87
N TYR A 153 -23.57 -16.54 9.22
CA TYR A 153 -22.17 -16.24 9.50
C TYR A 153 -21.71 -17.07 10.70
N GLU A 154 -22.58 -17.23 11.71
CA GLU A 154 -22.19 -17.95 12.92
C GLU A 154 -21.90 -19.38 12.53
N LEU A 155 -22.68 -19.90 11.60
CA LEU A 155 -22.44 -21.27 11.15
C LEU A 155 -21.10 -21.40 10.39
N PHE A 156 -20.79 -20.48 9.49
CA PHE A 156 -19.45 -20.45 8.83
C PHE A 156 -18.32 -20.49 9.90
N SER A 157 -18.45 -19.62 10.90
CA SER A 157 -17.44 -19.51 11.94
C SER A 157 -17.23 -20.87 12.64
N GLU A 158 -18.30 -21.59 12.90
CA GLU A 158 -18.22 -22.91 13.54
C GLU A 158 -17.57 -23.95 12.60
N VAL A 159 -17.88 -23.89 11.31
CA VAL A 159 -17.27 -24.86 10.34
C VAL A 159 -15.75 -24.61 10.27
N PHE A 160 -15.39 -23.34 10.24
CA PHE A 160 -13.97 -22.92 10.12
C PHE A 160 -13.14 -23.49 11.27
N GLU A 161 -13.76 -23.66 12.46
CA GLU A 161 -13.04 -24.17 13.63
C GLU A 161 -12.60 -25.58 13.42
N TRP A 162 -13.27 -26.29 12.53
CA TRP A 162 -12.93 -27.72 12.24
C TRP A 162 -11.92 -27.93 11.13
N LEU A 163 -11.53 -26.86 10.43
CA LEU A 163 -10.46 -26.92 9.43
C LEU A 163 -9.18 -27.43 10.05
N PRO A 164 -8.58 -28.48 9.48
CA PRO A 164 -7.29 -29.00 9.97
C PRO A 164 -6.21 -27.88 9.81
N LEU A 165 -5.15 -27.99 10.59
CA LEU A 165 -4.17 -26.91 10.68
C LEU A 165 -2.92 -27.21 9.81
N ALA A 166 -2.73 -28.48 9.46
CA ALA A 166 -1.57 -28.80 8.61
C ALA A 166 -1.73 -30.14 7.93
N GLN A 167 -0.92 -30.38 6.93
CA GLN A 167 -1.02 -31.59 6.15
C GLN A 167 0.34 -32.08 5.83
N CYS A 168 0.60 -33.39 6.02
CA CYS A 168 1.88 -33.88 5.70
C CYS A 168 1.77 -34.90 4.55
N ILE A 169 2.50 -34.68 3.46
CA ILE A 169 2.52 -35.62 2.29
C ILE A 169 3.71 -36.59 2.35
N ASN A 170 3.46 -37.91 2.26
CA ASN A 170 4.51 -38.92 2.32
C ASN A 170 5.49 -38.82 3.48
N GLY A 171 5.04 -38.25 4.60
CA GLY A 171 5.94 -37.99 5.74
C GLY A 171 7.14 -37.11 5.36
N LYS A 172 7.03 -36.35 4.28
CA LYS A 172 8.21 -35.64 3.76
C LYS A 172 7.98 -34.20 3.56
N VAL A 173 6.77 -33.83 3.13
CA VAL A 173 6.48 -32.41 2.91
C VAL A 173 5.40 -31.95 3.90
N LEU A 174 5.67 -30.89 4.65
CA LEU A 174 4.63 -30.42 5.57
C LEU A 174 4.09 -29.07 5.07
N ILE A 175 2.76 -28.93 5.09
CA ILE A 175 2.10 -27.76 4.54
C ILE A 175 1.29 -27.10 5.66
N MET A 176 1.37 -25.77 5.79
CA MET A 176 0.52 -25.09 6.77
C MET A 176 0.43 -23.71 6.29
N HIS A 177 -0.55 -22.98 6.78
CA HIS A 177 -0.80 -21.63 6.20
C HIS A 177 0.37 -20.68 6.53
N GLY A 178 0.69 -20.59 7.81
CA GLY A 178 1.63 -19.50 8.21
C GLY A 178 3.05 -20.04 8.22
N GLY A 179 3.40 -20.88 9.20
CA GLY A 179 4.73 -21.50 9.22
C GLY A 179 5.08 -22.19 10.51
N LEU A 180 6.32 -22.04 10.96
CA LEU A 180 6.83 -22.89 12.07
C LEU A 180 6.71 -22.11 13.37
N PHE A 181 7.47 -22.51 14.38
CA PHE A 181 7.03 -22.22 15.72
C PHE A 181 7.93 -21.28 16.46
N SER A 182 7.39 -20.69 17.54
CA SER A 182 8.10 -19.72 18.35
C SER A 182 9.04 -20.41 19.31
N GLU A 183 8.93 -21.74 19.40
CA GLU A 183 9.76 -22.54 20.28
C GLU A 183 10.30 -23.73 19.55
N ASP A 184 11.52 -24.17 19.90
CA ASP A 184 12.12 -25.38 19.32
C ASP A 184 11.46 -26.63 19.91
N GLY A 185 11.51 -27.74 19.16
CA GLY A 185 11.15 -29.02 19.72
C GLY A 185 9.72 -29.46 19.40
N VAL A 186 8.97 -28.69 18.61
CA VAL A 186 7.63 -29.10 18.20
C VAL A 186 7.68 -30.29 17.26
N THR A 187 6.85 -31.31 17.52
CA THR A 187 6.86 -32.48 16.62
C THR A 187 5.56 -32.60 15.79
N LEU A 188 5.55 -33.50 14.80
CA LEU A 188 4.33 -33.81 14.07
C LEU A 188 3.23 -34.29 15.02
N ASP A 189 3.62 -35.08 15.98
CA ASP A 189 2.68 -35.58 16.96
C ASP A 189 2.05 -34.51 17.81
N ASP A 190 2.82 -33.51 18.24
CA ASP A 190 2.27 -32.31 18.91
C ASP A 190 1.25 -31.58 18.05
N ILE A 191 1.50 -31.48 16.75
CA ILE A 191 0.55 -30.85 15.85
C ILE A 191 -0.73 -31.69 15.79
N ARG A 192 -0.57 -33.01 15.66
CA ARG A 192 -1.72 -33.91 15.59
C ARG A 192 -2.64 -33.75 16.83
N LYS A 193 -2.04 -33.51 18.00
CA LYS A 193 -2.72 -33.38 19.31
C LYS A 193 -3.29 -31.98 19.64
N ILE A 194 -3.09 -31.01 18.76
CA ILE A 194 -3.71 -29.71 18.96
C ILE A 194 -5.24 -29.87 18.88
N GLU A 195 -5.91 -29.36 19.92
CA GLU A 195 -7.36 -29.37 19.95
C GLU A 195 -7.73 -28.09 19.22
N ARG A 196 -8.12 -28.22 17.97
CA ARG A 196 -8.16 -27.05 17.06
C ARG A 196 -9.51 -26.36 16.95
N ASN A 197 -10.54 -26.97 17.54
CA ASN A 197 -11.89 -26.50 17.28
C ASN A 197 -12.19 -25.35 18.21
N ARG A 198 -11.63 -24.20 17.86
CA ARG A 198 -11.66 -23.00 18.68
C ARG A 198 -11.17 -21.83 17.80
N GLN A 199 -11.28 -20.64 18.35
CA GLN A 199 -10.52 -19.52 17.82
C GLN A 199 -9.08 -19.67 18.31
N PRO A 200 -8.10 -19.31 17.46
CA PRO A 200 -6.71 -19.58 17.89
C PRO A 200 -6.34 -18.75 19.12
N PRO A 201 -5.44 -19.26 19.97
CA PRO A 201 -4.99 -18.32 21.01
C PRO A 201 -3.97 -17.31 20.48
N ASP A 202 -3.60 -16.38 21.36
CA ASP A 202 -2.70 -15.28 21.11
C ASP A 202 -1.25 -15.75 20.97
N SER A 203 -0.96 -16.98 21.39
CA SER A 203 0.41 -17.50 21.40
C SER A 203 0.35 -19.00 21.41
N GLY A 204 1.46 -19.67 21.08
CA GLY A 204 1.54 -21.12 21.09
C GLY A 204 1.45 -21.73 19.70
N PRO A 205 1.57 -23.05 19.60
CA PRO A 205 1.68 -23.73 18.31
C PRO A 205 0.51 -23.44 17.36
N MET A 206 -0.72 -23.42 17.86
CA MET A 206 -1.85 -23.18 16.95
C MET A 206 -1.80 -21.78 16.31
N CYS A 207 -1.39 -20.81 17.11
CA CYS A 207 -1.17 -19.44 16.64
C CYS A 207 -0.04 -19.36 15.59
N ASP A 208 1.13 -19.93 15.93
CA ASP A 208 2.31 -19.98 14.99
C ASP A 208 1.92 -20.56 13.65
N LEU A 209 1.26 -21.73 13.65
CA LEU A 209 0.88 -22.39 12.40
C LEU A 209 0.10 -21.49 11.46
N LEU A 210 -0.71 -20.58 11.99
CA LEU A 210 -1.54 -19.70 11.20
C LEU A 210 -0.92 -18.33 10.89
N TRP A 211 0.07 -17.94 11.69
CA TRP A 211 0.55 -16.56 11.68
C TRP A 211 2.04 -16.32 11.45
N SER A 212 2.90 -17.32 11.61
CA SER A 212 4.34 -17.06 11.53
C SER A 212 4.84 -16.81 10.11
N ASP A 213 5.98 -16.11 10.02
CA ASP A 213 6.68 -15.91 8.72
C ASP A 213 8.15 -16.29 8.78
N PRO A 214 8.75 -16.80 7.68
CA PRO A 214 10.19 -17.04 7.60
C PRO A 214 10.94 -15.70 7.57
N GLN A 215 12.15 -15.69 8.11
CA GLN A 215 13.05 -14.52 7.89
C GLN A 215 14.34 -15.08 7.32
N PRO A 216 15.15 -14.23 6.62
CA PRO A 216 16.39 -14.76 6.06
C PRO A 216 17.50 -15.05 7.05
N GLN A 217 17.56 -14.31 8.16
CA GLN A 217 18.72 -14.45 9.04
C GLN A 217 18.43 -15.46 10.14
N ASN A 218 19.47 -16.03 10.73
CA ASN A 218 19.30 -17.11 11.70
C ASN A 218 18.63 -16.54 12.96
N GLY A 219 17.84 -17.39 13.64
CA GLY A 219 17.24 -16.97 14.92
C GLY A 219 15.73 -16.89 14.85
N ARG A 220 15.14 -16.10 15.77
CA ARG A 220 13.73 -15.76 15.71
C ARG A 220 13.64 -14.34 16.04
N SER A 221 12.67 -13.67 15.41
CA SER A 221 12.29 -12.30 15.75
C SER A 221 10.84 -12.18 16.14
N ILE A 222 10.55 -11.14 16.93
CA ILE A 222 9.17 -10.78 17.26
C ILE A 222 8.51 -10.36 15.94
N SER A 223 7.29 -10.82 15.69
CA SER A 223 6.66 -10.59 14.39
C SER A 223 6.24 -9.15 14.24
N LYS A 224 6.48 -8.57 13.07
CA LYS A 224 5.95 -7.22 12.84
C LYS A 224 4.44 -7.21 12.71
N ARG A 225 3.83 -8.42 12.68
CA ARG A 225 2.39 -8.54 12.68
C ARG A 225 1.75 -8.29 14.05
N GLY A 226 2.50 -8.40 15.14
CA GLY A 226 1.87 -8.29 16.47
C GLY A 226 1.49 -9.61 17.08
N VAL A 227 1.69 -10.72 16.36
CA VAL A 227 1.37 -12.07 16.80
C VAL A 227 2.45 -12.99 16.27
N SER A 228 2.82 -14.02 17.04
CA SER A 228 3.74 -15.08 16.56
C SER A 228 5.14 -14.51 16.27
N CYS A 229 5.92 -15.21 15.43
CA CYS A 229 7.31 -14.80 15.25
C CYS A 229 7.73 -14.92 13.79
N GLN A 230 8.91 -14.37 13.50
CA GLN A 230 9.65 -14.79 12.30
C GLN A 230 10.69 -15.81 12.66
N PHE A 231 10.87 -16.81 11.80
CA PHE A 231 11.83 -17.88 12.05
C PHE A 231 12.85 -17.99 10.96
N GLY A 232 14.11 -18.15 11.36
CA GLY A 232 15.25 -18.21 10.41
C GLY A 232 15.45 -19.61 9.85
N PRO A 233 16.38 -19.75 8.89
CA PRO A 233 16.70 -21.12 8.35
C PRO A 233 17.22 -22.12 9.35
N ASP A 234 17.85 -21.69 10.43
CA ASP A 234 18.23 -22.59 11.49
C ASP A 234 17.01 -23.25 12.15
N VAL A 235 15.95 -22.48 12.36
CA VAL A 235 14.68 -23.03 12.91
C VAL A 235 14.16 -24.11 11.97
N THR A 236 14.10 -23.77 10.69
CA THR A 236 13.49 -24.68 9.71
C THR A 236 14.30 -25.97 9.66
N LYS A 237 15.63 -25.83 9.52
CA LYS A 237 16.54 -26.97 9.47
C LYS A 237 16.39 -27.91 10.67
N ALA A 238 16.33 -27.32 11.88
CA ALA A 238 16.12 -28.12 13.11
C ALA A 238 14.78 -28.87 13.10
N PHE A 239 13.74 -28.16 12.72
CA PHE A 239 12.41 -28.73 12.71
C PHE A 239 12.35 -29.88 11.69
N LEU A 240 12.89 -29.65 10.50
CA LEU A 240 12.83 -30.69 9.46
C LEU A 240 13.62 -31.93 9.85
N GLU A 241 14.81 -31.71 10.39
CA GLU A 241 15.65 -32.80 10.82
C GLU A 241 14.99 -33.61 11.98
N GLU A 242 14.35 -32.95 12.93
CA GLU A 242 13.76 -33.72 14.04
C GLU A 242 12.55 -34.56 13.59
N ASN A 243 11.82 -34.01 12.64
CA ASN A 243 10.60 -34.62 12.15
C ASN A 243 10.74 -35.45 10.91
N ASN A 244 12.00 -35.64 10.47
CA ASN A 244 12.28 -36.45 9.26
C ASN A 244 11.65 -35.96 7.98
N LEU A 245 11.66 -34.66 7.81
CA LEU A 245 10.95 -33.96 6.76
C LEU A 245 11.94 -33.40 5.76
N ASP A 246 11.49 -33.23 4.52
CA ASP A 246 12.30 -32.59 3.45
C ASP A 246 12.14 -31.05 3.38
N TYR A 247 10.90 -30.55 3.36
CA TYR A 247 10.67 -29.07 3.36
C TYR A 247 9.28 -28.80 3.78
N ILE A 248 8.97 -27.51 3.93
CA ILE A 248 7.62 -27.16 4.23
C ILE A 248 7.12 -26.27 3.11
N ILE A 249 5.82 -26.25 2.92
CA ILE A 249 5.19 -25.31 2.03
C ILE A 249 4.23 -24.48 2.88
N ARG A 250 4.23 -23.18 2.66
CA ARG A 250 3.38 -22.28 3.43
C ARG A 250 2.91 -21.18 2.54
N SER A 251 2.08 -20.29 3.03
CA SER A 251 1.46 -19.27 2.16
C SER A 251 1.56 -17.96 2.90
N HIS A 252 0.48 -17.17 3.03
CA HIS A 252 0.39 -16.14 4.09
C HIS A 252 1.17 -14.83 3.79
N GLU A 253 1.90 -14.80 2.67
CA GLU A 253 2.55 -13.58 2.24
C GLU A 253 2.45 -13.39 0.74
N VAL A 254 2.19 -12.17 0.31
CA VAL A 254 2.17 -11.88 -1.12
C VAL A 254 3.58 -11.84 -1.69
N LYS A 255 3.74 -12.45 -2.85
CA LYS A 255 5.03 -12.57 -3.51
C LYS A 255 4.81 -12.12 -4.96
N ALA A 256 5.65 -11.18 -5.44
CA ALA A 256 5.56 -10.64 -6.82
C ALA A 256 5.39 -11.71 -7.90
N GLU A 257 6.15 -12.80 -7.77
CA GLU A 257 6.14 -13.89 -8.75
C GLU A 257 5.13 -14.99 -8.39
N GLY A 258 4.42 -14.81 -7.26
CA GLY A 258 3.44 -15.83 -6.81
C GLY A 258 3.99 -16.91 -5.93
N TYR A 259 5.32 -16.99 -5.83
CA TYR A 259 5.99 -17.97 -4.98
C TYR A 259 7.35 -17.40 -4.56
N GLU A 260 7.94 -18.04 -3.57
CA GLU A 260 9.29 -17.84 -3.14
C GLU A 260 9.83 -19.16 -2.52
N VAL A 261 11.14 -19.44 -2.67
CA VAL A 261 11.76 -20.55 -2.02
C VAL A 261 12.85 -20.03 -1.10
N ALA A 262 12.59 -20.09 0.19
CA ALA A 262 13.52 -19.57 1.21
C ALA A 262 14.26 -20.67 1.94
N HIS A 263 15.26 -20.26 2.76
CA HIS A 263 15.93 -21.19 3.64
C HIS A 263 16.67 -22.32 2.89
N GLY A 264 17.23 -21.95 1.72
CA GLY A 264 18.03 -22.85 0.89
C GLY A 264 17.24 -23.97 0.24
N GLY A 265 15.95 -23.79 0.05
CA GLY A 265 15.03 -24.81 -0.48
C GLY A 265 13.96 -25.31 0.49
N ARG A 266 14.14 -24.99 1.77
CA ARG A 266 13.43 -25.71 2.84
C ARG A 266 12.08 -25.09 3.21
N CYS A 267 11.90 -23.83 2.84
CA CYS A 267 10.69 -23.09 3.14
C CYS A 267 10.10 -22.41 1.91
N VAL A 268 9.07 -23.03 1.33
CA VAL A 268 8.44 -22.58 0.08
C VAL A 268 7.24 -21.73 0.46
N THR A 269 7.08 -20.55 -0.16
CA THR A 269 5.82 -19.81 -0.08
C THR A 269 5.07 -19.91 -1.40
N VAL A 270 3.79 -20.24 -1.34
CA VAL A 270 2.91 -20.23 -2.48
C VAL A 270 1.74 -19.29 -2.21
N PHE A 271 1.44 -18.39 -3.16
CA PHE A 271 0.37 -17.42 -2.96
C PHE A 271 -0.54 -17.40 -4.20
N SER A 272 -1.85 -17.63 -4.01
CA SER A 272 -2.74 -17.85 -5.18
C SER A 272 -3.77 -16.79 -5.51
N ALA A 273 -3.54 -15.52 -5.08
CA ALA A 273 -4.50 -14.45 -5.30
C ALA A 273 -3.75 -13.40 -6.18
N PRO A 274 -3.86 -13.52 -7.51
CA PRO A 274 -3.11 -12.62 -8.40
C PRO A 274 -3.67 -11.19 -8.27
N ASN A 275 -2.85 -10.18 -8.52
CA ASN A 275 -3.29 -8.80 -8.40
C ASN A 275 -4.15 -8.56 -7.14
N TYR A 276 -3.58 -8.94 -6.01
CA TYR A 276 -4.23 -8.99 -4.75
C TYR A 276 -4.89 -7.65 -4.40
N CYS A 277 -6.16 -7.68 -3.98
CA CYS A 277 -6.98 -6.46 -3.76
C CYS A 277 -7.09 -5.51 -4.93
N ASP A 278 -6.91 -6.03 -6.14
CA ASP A 278 -6.91 -5.24 -7.37
C ASP A 278 -5.81 -4.19 -7.40
N GLN A 279 -4.82 -4.32 -6.52
CA GLN A 279 -3.80 -3.26 -6.42
C GLN A 279 -2.36 -3.74 -6.49
N MET A 280 -2.07 -4.92 -5.98
CA MET A 280 -0.67 -5.32 -5.80
C MET A 280 0.09 -5.55 -7.10
N GLY A 281 -0.60 -5.96 -8.17
CA GLY A 281 0.02 -6.29 -9.48
C GLY A 281 0.83 -7.59 -9.48
N ASN A 282 0.78 -8.36 -8.39
CA ASN A 282 1.51 -9.62 -8.34
C ASN A 282 0.95 -10.73 -9.25
N LYS A 283 1.83 -11.61 -9.71
CA LYS A 283 1.41 -12.91 -10.18
C LYS A 283 1.03 -13.82 -9.00
N ALA A 284 0.29 -14.89 -9.31
CA ALA A 284 0.00 -15.93 -8.33
C ALA A 284 0.65 -17.19 -8.86
N SER A 285 0.70 -18.21 -8.03
CA SER A 285 1.10 -19.50 -8.52
C SER A 285 0.37 -20.61 -7.75
N TYR A 286 0.46 -21.81 -8.29
CA TYR A 286 0.10 -23.01 -7.53
C TYR A 286 1.27 -23.97 -7.78
N ILE A 287 1.38 -25.01 -6.93
CA ILE A 287 2.45 -25.99 -6.96
C ILE A 287 1.93 -27.34 -7.39
N HIS A 288 2.65 -28.04 -8.28
CA HIS A 288 2.46 -29.50 -8.45
C HIS A 288 3.50 -30.31 -7.70
N LEU A 289 3.06 -31.39 -7.03
CA LEU A 289 3.94 -32.41 -6.47
C LEU A 289 3.49 -33.75 -7.01
N GLN A 290 4.41 -34.72 -7.12
CA GLN A 290 4.00 -36.11 -7.36
C GLN A 290 4.70 -37.12 -6.49
N GLY A 291 4.08 -38.28 -6.31
CA GLY A 291 4.57 -39.31 -5.40
C GLY A 291 6.04 -39.65 -5.63
N SER A 292 6.45 -39.67 -6.89
CA SER A 292 7.77 -40.17 -7.29
C SER A 292 8.79 -39.06 -7.24
N ASP A 293 8.32 -37.83 -7.05
CA ASP A 293 9.15 -36.64 -7.05
C ASP A 293 8.43 -35.45 -6.38
N LEU A 294 8.74 -35.27 -5.09
CA LEU A 294 8.09 -34.26 -4.25
C LEU A 294 8.71 -32.88 -4.37
N ARG A 295 9.59 -32.68 -5.35
CA ARG A 295 10.16 -31.36 -5.51
C ARG A 295 9.11 -30.43 -6.14
N PRO A 296 9.00 -29.21 -5.63
CA PRO A 296 7.87 -28.41 -6.08
C PRO A 296 8.03 -27.91 -7.53
N GLN A 297 6.94 -28.01 -8.31
CA GLN A 297 6.89 -27.45 -9.64
C GLN A 297 5.90 -26.28 -9.59
N PHE A 298 6.36 -25.11 -9.97
CA PHE A 298 5.56 -23.91 -9.83
C PHE A 298 4.87 -23.57 -11.13
N HIS A 299 3.59 -23.20 -11.03
CA HIS A 299 2.79 -22.80 -12.18
C HIS A 299 2.27 -21.42 -11.95
N GLN A 300 2.83 -20.46 -12.67
CA GLN A 300 2.42 -19.09 -12.54
C GLN A 300 1.15 -18.74 -13.32
N PHE A 301 0.36 -17.81 -12.77
CA PHE A 301 -0.76 -17.24 -13.52
C PHE A 301 -1.03 -15.80 -13.15
N THR A 302 -1.88 -15.16 -13.92
CA THR A 302 -2.17 -13.75 -13.66
C THR A 302 -3.67 -13.56 -13.51
N ALA A 303 -4.05 -12.37 -13.04
CA ALA A 303 -5.44 -12.04 -12.69
C ALA A 303 -6.33 -11.99 -13.92
N VAL A 304 -7.60 -12.36 -13.74
CA VAL A 304 -8.60 -12.29 -14.80
C VAL A 304 -9.68 -11.29 -14.40
N PRO A 305 -10.43 -10.76 -15.38
CA PRO A 305 -11.45 -9.76 -15.06
C PRO A 305 -12.48 -10.30 -14.06
N HIS A 306 -13.01 -9.42 -13.23
CA HIS A 306 -14.12 -9.79 -12.39
C HIS A 306 -15.12 -8.65 -12.40
N PRO A 307 -16.40 -8.94 -12.10
CA PRO A 307 -17.40 -7.89 -12.03
C PRO A 307 -16.94 -6.78 -11.14
N ASN A 308 -17.37 -5.58 -11.49
CA ASN A 308 -17.01 -4.40 -10.75
C ASN A 308 -17.83 -4.31 -9.48
N VAL A 309 -17.34 -4.99 -8.45
CA VAL A 309 -17.61 -4.59 -7.08
C VAL A 309 -16.25 -4.42 -6.36
N GLU B 7 31.87 18.24 4.18
CA GLU B 7 33.02 19.22 4.12
C GLU B 7 32.88 20.35 5.15
N ASP B 8 33.29 20.08 6.38
CA ASP B 8 33.12 21.02 7.50
C ASP B 8 31.65 21.23 7.78
N GLY B 9 30.86 20.16 7.75
CA GLY B 9 29.40 20.29 7.86
C GLY B 9 28.92 21.46 7.01
N LYS B 10 29.30 21.45 5.74
CA LYS B 10 28.99 22.54 4.83
C LYS B 10 28.70 21.97 3.44
N VAL B 11 27.47 22.16 2.99
CA VAL B 11 27.03 21.72 1.67
C VAL B 11 27.70 22.57 0.61
N THR B 12 28.16 21.92 -0.46
CA THR B 12 28.76 22.58 -1.63
C THR B 12 28.12 22.03 -2.90
N ILE B 13 28.32 22.75 -4.00
CA ILE B 13 27.91 22.27 -5.31
C ILE B 13 28.28 20.78 -5.51
N SER B 14 29.52 20.42 -5.16
CA SER B 14 30.04 19.09 -5.47
C SER B 14 29.41 18.01 -4.58
N PHE B 15 29.06 18.37 -3.35
CA PHE B 15 28.27 17.49 -2.48
C PHE B 15 26.92 17.15 -3.12
N MET B 16 26.17 18.18 -3.53
CA MET B 16 24.82 18.02 -4.10
C MET B 16 24.77 17.04 -5.29
N LYS B 17 25.79 17.08 -6.15
CA LYS B 17 25.93 16.16 -7.28
C LYS B 17 26.26 14.73 -6.87
N GLU B 18 27.17 14.59 -5.90
CA GLU B 18 27.48 13.29 -5.36
C GLU B 18 26.20 12.71 -4.79
N LEU B 19 25.48 13.58 -4.07
CA LEU B 19 24.23 13.25 -3.38
C LEU B 19 23.13 12.75 -4.33
N MET B 20 22.93 13.47 -5.43
CA MET B 20 21.91 13.13 -6.42
C MET B 20 22.24 11.79 -7.05
N GLN B 21 23.49 11.66 -7.52
CA GLN B 21 24.01 10.43 -8.12
C GLN B 21 23.96 9.26 -7.12
N TRP B 22 24.41 9.53 -5.90
CA TRP B 22 24.37 8.54 -4.81
C TRP B 22 22.95 8.05 -4.54
N TYR B 23 21.99 8.96 -4.65
CA TYR B 23 20.57 8.66 -4.48
C TYR B 23 19.93 7.95 -5.69
N LYS B 24 20.31 8.38 -6.89
CA LYS B 24 19.88 7.80 -8.17
C LYS B 24 20.17 6.30 -8.21
N ASP B 25 21.25 5.91 -7.52
CA ASP B 25 21.69 4.51 -7.47
C ASP B 25 21.18 3.78 -6.23
N GLN B 26 20.13 4.35 -5.63
CA GLN B 26 19.43 3.77 -4.46
C GLN B 26 20.32 3.58 -3.21
N LYS B 27 21.40 4.38 -3.10
CA LYS B 27 22.27 4.31 -1.92
C LYS B 27 21.94 5.40 -0.89
N LYS B 28 21.97 5.00 0.37
CA LYS B 28 21.58 5.86 1.50
C LYS B 28 22.67 6.85 1.88
N LEU B 29 22.26 8.03 2.36
CA LEU B 29 23.16 9.03 2.92
C LEU B 29 23.31 8.79 4.43
N HIS B 30 24.55 8.76 4.91
CA HIS B 30 24.85 8.51 6.33
C HIS B 30 24.05 9.43 7.27
N ARG B 31 23.46 8.84 8.32
CA ARG B 31 22.62 9.59 9.28
C ARG B 31 23.28 10.83 9.89
N LYS B 32 24.62 10.83 9.97
CA LYS B 32 25.37 12.00 10.42
C LYS B 32 25.34 13.13 9.40
N CYS B 33 25.35 12.79 8.11
CA CYS B 33 25.20 13.77 7.02
C CYS B 33 23.75 14.27 6.93
N ALA B 34 22.80 13.33 7.04
CA ALA B 34 21.38 13.67 7.11
C ALA B 34 21.16 14.59 8.33
N TYR B 35 21.68 14.19 9.49
CA TYR B 35 21.51 14.96 10.71
C TYR B 35 21.99 16.41 10.53
N GLN B 36 23.17 16.58 9.93
CA GLN B 36 23.69 17.93 9.73
C GLN B 36 22.79 18.79 8.86
N ILE B 37 22.44 18.27 7.69
CA ILE B 37 21.56 18.99 6.73
C ILE B 37 20.31 19.48 7.42
N LEU B 38 19.69 18.57 8.18
CA LEU B 38 18.48 18.85 8.92
C LEU B 38 18.62 19.97 9.94
N VAL B 39 19.66 19.93 10.79
CA VAL B 39 19.79 20.97 11.83
C VAL B 39 20.12 22.33 11.27
N GLN B 40 20.95 22.38 10.23
CA GLN B 40 21.30 23.66 9.60
C GLN B 40 20.09 24.22 8.87
N VAL B 41 19.34 23.36 8.16
CA VAL B 41 18.21 23.87 7.39
C VAL B 41 17.11 24.40 8.34
N LYS B 42 16.92 23.70 9.44
CA LYS B 42 16.03 24.17 10.49
C LYS B 42 16.37 25.60 10.97
N GLU B 43 17.68 25.87 11.10
CA GLU B 43 18.14 27.19 11.53
C GLU B 43 17.91 28.26 10.46
N VAL B 44 18.16 27.92 9.19
CA VAL B 44 17.89 28.84 8.08
C VAL B 44 16.36 29.15 7.96
N LEU B 45 15.54 28.08 8.01
CA LEU B 45 14.08 28.21 7.92
C LEU B 45 13.45 29.01 9.07
N SER B 46 14.00 28.88 10.29
CA SER B 46 13.43 29.59 11.45
C SER B 46 13.75 31.10 11.50
N LYS B 47 14.63 31.56 10.60
CA LYS B 47 14.94 33.00 10.48
C LYS B 47 14.03 33.70 9.48
N LEU B 48 13.23 32.90 8.76
CA LEU B 48 12.31 33.40 7.73
C LEU B 48 10.94 33.79 8.27
N SER B 49 10.34 34.82 7.69
CA SER B 49 8.94 35.15 7.97
C SER B 49 8.02 34.05 7.42
N THR B 50 6.85 33.91 8.02
CA THR B 50 5.79 33.05 7.51
C THR B 50 5.45 33.42 6.06
N LEU B 51 5.56 34.71 5.74
CA LEU B 51 5.44 35.21 4.37
C LEU B 51 6.79 35.66 3.85
N VAL B 52 7.32 34.95 2.85
CA VAL B 52 8.60 35.29 2.27
C VAL B 52 8.37 36.33 1.16
N GLU B 53 9.01 37.49 1.30
CA GLU B 53 8.86 38.60 0.34
C GLU B 53 10.11 38.77 -0.53
N THR B 54 10.00 38.27 -1.75
CA THR B 54 11.08 38.23 -2.72
C THR B 54 10.88 39.35 -3.73
N THR B 55 12.00 39.88 -4.22
CA THR B 55 11.98 40.85 -5.30
C THR B 55 12.70 40.25 -6.50
N LEU B 56 12.01 40.24 -7.64
CA LEU B 56 12.58 39.80 -8.90
C LEU B 56 12.78 41.04 -9.79
N LYS B 57 14.03 41.31 -10.14
CA LYS B 57 14.36 42.44 -11.00
C LYS B 57 14.38 42.03 -12.48
N GLU B 58 14.17 43.01 -13.37
CA GLU B 58 13.81 42.77 -14.79
C GLU B 58 14.59 41.68 -15.53
N THR B 59 15.86 41.48 -15.16
CA THR B 59 16.71 40.47 -15.80
C THR B 59 16.68 39.08 -15.12
N GLU B 60 16.05 38.99 -13.94
CA GLU B 60 16.01 37.74 -13.15
C GLU B 60 14.82 36.84 -13.45
N LYS B 61 15.10 35.54 -13.49
CA LYS B 61 14.07 34.53 -13.65
C LYS B 61 13.84 33.75 -12.37
N ILE B 62 12.67 33.12 -12.26
CA ILE B 62 12.37 32.25 -11.13
C ILE B 62 11.46 31.11 -11.61
N THR B 63 11.86 29.88 -11.32
CA THR B 63 11.04 28.71 -11.60
C THR B 63 10.16 28.39 -10.38
N VAL B 64 8.87 28.20 -10.62
CA VAL B 64 7.92 27.68 -9.61
C VAL B 64 7.49 26.25 -9.94
N CYS B 65 7.76 25.33 -9.03
CA CYS B 65 7.28 23.96 -9.16
C CYS B 65 6.23 23.69 -8.10
N GLY B 66 5.36 22.72 -8.40
CA GLY B 66 4.33 22.28 -7.46
C GLY B 66 4.68 20.96 -6.79
N ASP B 67 3.64 20.22 -6.42
CA ASP B 67 3.80 18.93 -5.74
C ASP B 67 4.86 18.08 -6.45
N THR B 68 5.67 17.37 -5.67
CA THR B 68 6.72 16.52 -6.21
C THR B 68 6.58 15.09 -5.67
N HIS B 69 6.02 14.96 -4.47
CA HIS B 69 5.58 13.70 -3.87
C HIS B 69 6.52 12.51 -3.92
N GLY B 70 7.73 12.67 -3.39
CA GLY B 70 8.71 11.58 -3.33
C GLY B 70 9.08 10.97 -4.67
N GLN B 71 8.69 11.63 -5.77
CA GLN B 71 9.03 11.18 -7.12
C GLN B 71 10.42 11.68 -7.52
N PHE B 72 11.44 11.10 -6.89
CA PHE B 72 12.81 11.61 -6.99
C PHE B 72 13.40 11.72 -8.41
N TYR B 73 13.24 10.65 -9.20
CA TYR B 73 13.79 10.61 -10.55
C TYR B 73 13.18 11.65 -11.49
N ASP B 74 11.94 12.06 -11.20
CA ASP B 74 11.29 13.22 -11.87
C ASP B 74 11.74 14.58 -11.35
N LEU B 75 12.04 14.64 -10.05
CA LEU B 75 12.71 15.81 -9.48
C LEU B 75 14.02 15.98 -10.25
N LEU B 76 14.76 14.87 -10.39
CA LEU B 76 15.99 14.86 -11.16
C LEU B 76 15.69 15.32 -12.58
N ASN B 77 14.66 14.73 -13.19
CA ASN B 77 14.26 15.13 -14.54
C ASN B 77 13.97 16.64 -14.72
N ILE B 78 13.31 17.24 -13.72
CA ILE B 78 13.11 18.70 -13.70
C ILE B 78 14.47 19.39 -13.83
N PHE B 79 15.45 18.87 -13.10
CA PHE B 79 16.77 19.49 -13.08
C PHE B 79 17.51 19.34 -14.42
N GLU B 80 17.27 18.21 -15.11
CA GLU B 80 17.83 17.98 -16.44
C GLU B 80 17.18 18.85 -17.50
N LEU B 81 15.85 18.82 -17.58
CA LEU B 81 15.10 19.67 -18.52
C LEU B 81 15.34 21.16 -18.31
N ASN B 82 15.50 21.57 -17.05
CA ASN B 82 15.48 22.99 -16.66
C ASN B 82 16.82 23.49 -16.09
N GLY B 83 17.73 22.55 -15.81
CA GLY B 83 19.02 22.87 -15.25
C GLY B 83 18.97 22.80 -13.74
N LEU B 84 20.15 22.66 -13.13
CA LEU B 84 20.28 22.60 -11.68
C LEU B 84 19.95 23.97 -11.06
N PRO B 85 19.50 23.99 -9.79
CA PRO B 85 19.31 25.26 -9.07
C PRO B 85 20.65 25.97 -8.94
N SER B 86 20.63 27.30 -9.07
CA SER B 86 21.81 28.16 -8.86
C SER B 86 21.33 29.59 -8.59
N GLU B 87 22.25 30.52 -8.35
CA GLU B 87 21.83 31.90 -7.99
C GLU B 87 21.35 32.73 -9.17
N THR B 88 21.49 32.18 -10.38
CA THR B 88 20.90 32.76 -11.56
C THR B 88 19.71 31.92 -12.01
N ASN B 89 19.67 30.69 -11.53
CA ASN B 89 18.57 29.76 -11.82
C ASN B 89 17.75 29.35 -10.58
N PRO B 90 17.00 30.30 -9.99
CA PRO B 90 16.29 30.07 -8.74
C PRO B 90 15.13 29.08 -8.88
N TYR B 91 14.62 28.63 -7.74
CA TYR B 91 13.54 27.67 -7.67
C TYR B 91 12.68 27.95 -6.44
N ILE B 92 11.37 27.73 -6.59
CA ILE B 92 10.42 27.71 -5.49
C ILE B 92 9.73 26.37 -5.66
N PHE B 93 9.80 25.53 -4.64
CA PHE B 93 9.01 24.32 -4.59
C PHE B 93 7.83 24.56 -3.63
N ASN B 94 6.62 24.54 -4.20
CA ASN B 94 5.41 24.96 -3.52
C ASN B 94 4.73 23.81 -2.76
N GLY B 95 5.51 23.21 -1.83
CA GLY B 95 4.97 22.21 -0.91
C GLY B 95 4.80 20.82 -1.49
N ASP B 96 4.45 19.89 -0.61
CA ASP B 96 4.15 18.50 -0.95
C ASP B 96 5.32 17.79 -1.60
N PHE B 97 6.46 17.84 -0.91
CA PHE B 97 7.70 17.23 -1.35
C PHE B 97 7.67 15.71 -1.09
N VAL B 98 6.94 15.34 -0.04
CA VAL B 98 6.96 13.97 0.49
C VAL B 98 5.57 13.32 0.49
N ASP B 99 5.54 12.02 0.84
CA ASP B 99 4.33 11.18 0.82
C ASP B 99 3.96 10.75 -0.60
N ARG B 100 3.26 9.62 -0.70
CA ARG B 100 2.76 9.09 -1.97
C ARG B 100 3.85 8.34 -2.73
N GLY B 101 4.83 9.06 -3.28
CA GLY B 101 5.98 8.44 -3.96
C GLY B 101 6.92 7.77 -2.96
N SER B 102 7.74 6.85 -3.46
CA SER B 102 8.56 6.02 -2.58
C SER B 102 10.01 6.52 -2.34
N PHE B 103 10.40 7.55 -3.09
CA PHE B 103 11.71 8.19 -2.92
C PHE B 103 11.57 9.58 -2.26
N SER B 104 10.77 9.63 -1.19
CA SER B 104 10.56 10.86 -0.40
C SER B 104 11.83 11.37 0.28
N VAL B 105 12.52 10.49 1.00
CA VAL B 105 13.78 10.83 1.69
C VAL B 105 14.75 11.44 0.68
N GLU B 106 14.76 10.85 -0.51
CA GLU B 106 15.61 11.28 -1.62
C GLU B 106 15.27 12.72 -2.11
N VAL B 107 13.98 13.01 -2.32
CA VAL B 107 13.54 14.36 -2.70
C VAL B 107 13.84 15.41 -1.59
N ILE B 108 13.41 15.11 -0.37
CA ILE B 108 13.42 16.12 0.71
C ILE B 108 14.82 16.46 1.25
N LEU B 109 15.77 15.51 1.12
CA LEU B 109 17.18 15.80 1.44
C LEU B 109 17.92 16.53 0.35
N THR B 110 17.56 16.28 -0.91
CA THR B 110 18.08 17.07 -2.04
C THR B 110 17.57 18.51 -2.01
N LEU B 111 16.31 18.67 -1.63
CA LEU B 111 15.72 20.01 -1.56
C LEU B 111 16.37 20.81 -0.43
N PHE B 112 16.44 20.21 0.77
CA PHE B 112 17.04 20.88 1.94
C PHE B 112 18.52 21.19 1.60
N GLY B 113 19.17 20.20 0.99
CA GLY B 113 20.53 20.37 0.45
C GLY B 113 20.68 21.63 -0.38
N PHE B 114 19.83 21.80 -1.40
CA PHE B 114 19.88 23.02 -2.24
C PHE B 114 19.51 24.33 -1.52
N LYS B 115 18.64 24.20 -0.53
CA LYS B 115 18.24 25.34 0.28
C LYS B 115 19.48 25.89 1.00
N LEU B 116 20.26 24.99 1.63
CA LEU B 116 21.50 25.40 2.34
C LEU B 116 22.49 25.98 1.38
N LEU B 117 22.73 25.27 0.27
CA LEU B 117 23.61 25.75 -0.78
C LEU B 117 23.21 27.13 -1.33
N TYR B 118 21.90 27.36 -1.49
CA TYR B 118 21.35 28.57 -2.16
C TYR B 118 20.25 29.29 -1.37
N PRO B 119 20.56 29.79 -0.14
CA PRO B 119 19.49 30.32 0.73
C PRO B 119 18.66 31.49 0.16
N ASP B 120 19.29 32.35 -0.65
CA ASP B 120 18.61 33.49 -1.31
C ASP B 120 17.86 33.11 -2.60
N HIS B 121 18.07 31.90 -3.09
CA HIS B 121 17.68 31.55 -4.45
C HIS B 121 16.98 30.19 -4.54
N PHE B 122 16.75 29.58 -3.39
CA PHE B 122 16.01 28.32 -3.32
C PHE B 122 14.97 28.51 -2.24
N HIS B 123 13.72 28.26 -2.60
CA HIS B 123 12.58 28.57 -1.76
C HIS B 123 11.65 27.37 -1.68
N LEU B 124 11.39 26.98 -0.45
CA LEU B 124 10.50 25.89 -0.12
C LEU B 124 9.33 26.47 0.71
N LEU B 125 8.11 26.15 0.28
CA LEU B 125 6.93 26.54 1.02
C LEU B 125 6.26 25.30 1.54
N ARG B 126 5.62 25.41 2.68
CA ARG B 126 5.01 24.23 3.29
C ARG B 126 3.79 23.75 2.50
N GLY B 127 3.65 22.42 2.34
CA GLY B 127 2.43 21.84 1.76
C GLY B 127 1.63 21.11 2.84
N ASN B 128 0.44 20.65 2.51
CA ASN B 128 -0.35 19.92 3.53
C ASN B 128 0.26 18.56 3.92
N HIS B 129 1.03 17.98 3.01
CA HIS B 129 1.90 16.83 3.32
C HIS B 129 3.18 17.07 4.16
N GLU B 130 3.44 18.29 4.61
CA GLU B 130 4.59 18.50 5.49
C GLU B 130 4.15 18.64 6.94
N THR B 131 3.47 17.59 7.42
CA THR B 131 2.82 17.55 8.75
C THR B 131 2.79 16.08 9.24
N ASP B 132 2.42 15.86 10.50
CA ASP B 132 2.36 14.51 11.14
C ASP B 132 1.30 13.57 10.57
N ASN B 133 0.04 13.91 10.85
CA ASN B 133 -1.16 13.31 10.26
C ASN B 133 -0.93 12.60 8.94
N MET B 134 -0.42 13.39 7.99
CA MET B 134 -0.26 12.98 6.62
C MET B 134 0.89 12.02 6.46
N ASN B 135 2.01 12.32 7.12
CA ASN B 135 3.22 11.48 7.08
C ASN B 135 3.04 10.09 7.70
N GLN B 136 2.30 9.99 8.81
CA GLN B 136 2.05 8.68 9.46
C GLN B 136 1.20 7.79 8.57
N ILE B 137 0.31 8.43 7.81
CA ILE B 137 -0.59 7.74 6.90
C ILE B 137 0.03 7.54 5.50
N TYR B 138 0.40 8.62 4.83
CA TYR B 138 0.74 8.48 3.39
C TYR B 138 2.18 8.15 3.05
N GLY B 139 2.92 7.64 4.04
CA GLY B 139 4.16 6.92 3.78
C GLY B 139 5.47 7.47 4.30
N PHE B 140 5.60 8.79 4.37
CA PHE B 140 6.88 9.40 4.71
C PHE B 140 7.43 8.88 6.05
N GLU B 141 6.59 8.77 7.07
CA GLU B 141 7.04 8.23 8.36
C GLU B 141 7.53 6.81 8.20
N GLY B 142 6.65 5.92 7.71
CA GLY B 142 7.02 4.56 7.33
C GLY B 142 8.41 4.49 6.72
N GLU B 143 8.69 5.41 5.78
CA GLU B 143 9.93 5.41 5.00
C GLU B 143 11.17 5.82 5.81
N VAL B 144 11.07 6.92 6.56
CA VAL B 144 12.17 7.42 7.41
C VAL B 144 12.53 6.44 8.53
N LYS B 145 11.54 5.70 9.03
CA LYS B 145 11.79 4.66 10.01
C LYS B 145 12.51 3.48 9.36
N ALA B 146 12.15 3.17 8.11
CA ALA B 146 12.76 2.05 7.40
C ALA B 146 14.08 2.41 6.72
N LYS B 147 14.52 3.66 6.85
CA LYS B 147 15.85 4.09 6.35
C LYS B 147 16.73 4.69 7.44
N TYR B 148 16.10 5.14 8.53
CA TYR B 148 16.79 5.69 9.70
C TYR B 148 16.09 5.19 10.99
N THR B 149 15.71 6.10 11.90
CA THR B 149 14.91 5.73 13.07
C THR B 149 13.59 6.52 13.15
N ALA B 150 12.94 6.44 14.31
CA ALA B 150 11.81 7.30 14.68
C ALA B 150 12.36 8.67 15.06
N GLN B 151 13.61 8.65 15.48
CA GLN B 151 14.33 9.83 15.93
C GLN B 151 14.72 10.73 14.75
N MET B 152 15.02 10.13 13.61
CA MET B 152 15.24 10.91 12.38
C MET B 152 13.93 11.59 11.95
N TYR B 153 12.82 10.84 12.01
CA TYR B 153 11.50 11.37 11.64
C TYR B 153 11.14 12.58 12.50
N GLU B 154 11.12 12.39 13.82
CA GLU B 154 10.90 13.51 14.75
C GLU B 154 11.70 14.77 14.36
N LEU B 155 12.91 14.59 13.81
CA LEU B 155 13.68 15.73 13.32
C LEU B 155 13.14 16.33 11.99
N PHE B 156 12.72 15.48 11.05
CA PHE B 156 12.08 15.94 9.81
C PHE B 156 10.79 16.74 10.13
N SER B 157 10.07 16.28 11.15
CA SER B 157 8.81 16.89 11.53
C SER B 157 8.98 18.31 12.07
N GLU B 158 10.01 18.49 12.91
CA GLU B 158 10.30 19.79 13.49
C GLU B 158 10.85 20.73 12.44
N VAL B 159 11.52 20.17 11.43
CA VAL B 159 12.10 20.99 10.39
C VAL B 159 10.96 21.56 9.50
N PHE B 160 9.97 20.70 9.20
CA PHE B 160 8.81 21.03 8.37
C PHE B 160 7.99 22.17 8.99
N GLU B 161 7.85 22.14 10.32
CA GLU B 161 7.15 23.17 11.11
C GLU B 161 7.70 24.58 10.88
N TRP B 162 8.94 24.67 10.39
CA TRP B 162 9.59 25.94 10.08
C TRP B 162 9.51 26.41 8.62
N LEU B 163 8.95 25.60 7.73
CA LEU B 163 8.81 26.03 6.34
C LEU B 163 7.85 27.22 6.32
N PRO B 164 8.21 28.26 5.58
CA PRO B 164 7.26 29.38 5.38
C PRO B 164 5.94 28.91 4.72
N LEU B 165 4.87 29.69 4.87
CA LEU B 165 3.55 29.29 4.36
C LEU B 165 3.17 29.91 3.03
N ALA B 166 3.80 31.03 2.68
CA ALA B 166 3.49 31.70 1.42
C ALA B 166 4.68 32.54 0.95
N GLN B 167 4.72 32.85 -0.35
CA GLN B 167 5.74 33.74 -0.88
C GLN B 167 5.12 34.80 -1.79
N CYS B 168 5.49 36.06 -1.60
CA CYS B 168 5.06 37.14 -2.49
C CYS B 168 6.22 37.70 -3.34
N ILE B 169 6.09 37.59 -4.67
CA ILE B 169 7.08 38.13 -5.61
C ILE B 169 6.69 39.55 -6.07
N ASN B 170 7.59 40.51 -5.85
CA ASN B 170 7.41 41.90 -6.32
C ASN B 170 6.11 42.53 -5.82
N GLY B 171 5.57 42.03 -4.72
CA GLY B 171 4.32 42.56 -4.12
C GLY B 171 3.05 42.33 -4.94
N LYS B 172 3.16 41.55 -6.02
CA LYS B 172 2.13 41.35 -7.04
C LYS B 172 1.68 39.90 -7.25
N VAL B 173 2.49 38.94 -6.83
CA VAL B 173 2.14 37.52 -7.04
C VAL B 173 2.27 36.77 -5.73
N LEU B 174 1.16 36.26 -5.21
CA LEU B 174 1.20 35.41 -4.01
C LEU B 174 1.20 33.92 -4.37
N ILE B 175 2.11 33.17 -3.74
CA ILE B 175 2.28 31.73 -3.98
C ILE B 175 2.06 31.03 -2.63
N MET B 176 1.18 30.04 -2.62
CA MET B 176 0.96 29.19 -1.44
C MET B 176 0.55 27.83 -1.96
N HIS B 177 0.64 26.81 -1.10
CA HIS B 177 0.35 25.45 -1.55
C HIS B 177 -1.12 25.27 -1.90
N GLY B 178 -2.00 25.57 -0.94
CA GLY B 178 -3.42 25.26 -1.06
C GLY B 178 -4.21 26.39 -1.73
N GLY B 179 -4.44 27.48 -1.02
CA GLY B 179 -5.07 28.65 -1.66
C GLY B 179 -5.58 29.66 -0.64
N LEU B 180 -6.75 30.23 -0.91
CA LEU B 180 -7.28 31.33 -0.12
C LEU B 180 -8.20 30.92 1.03
N PHE B 181 -8.81 31.91 1.67
CA PHE B 181 -9.32 31.78 3.05
C PHE B 181 -10.82 31.62 3.19
N SER B 182 -11.22 30.87 4.21
CA SER B 182 -12.63 30.67 4.58
C SER B 182 -13.29 31.94 5.10
N GLU B 183 -12.52 32.80 5.75
CA GLU B 183 -13.03 34.06 6.23
C GLU B 183 -12.50 35.15 5.30
N ASP B 184 -13.30 36.20 5.11
CA ASP B 184 -12.91 37.35 4.27
C ASP B 184 -12.07 38.38 5.03
N GLY B 185 -11.30 39.17 4.29
CA GLY B 185 -10.47 40.22 4.89
C GLY B 185 -9.13 39.79 5.47
N VAL B 186 -8.57 38.69 4.98
CA VAL B 186 -7.23 38.26 5.40
C VAL B 186 -6.18 39.08 4.64
N THR B 187 -5.24 39.65 5.38
CA THR B 187 -4.20 40.53 4.81
C THR B 187 -2.89 39.78 4.56
N LEU B 188 -2.07 40.30 3.64
CA LEU B 188 -0.68 39.83 3.48
C LEU B 188 0.02 39.86 4.83
N ASP B 189 -0.46 40.76 5.68
CA ASP B 189 0.09 40.97 7.00
C ASP B 189 -0.45 40.01 8.04
N ASP B 190 -1.67 39.52 7.85
CA ASP B 190 -2.18 38.44 8.71
C ASP B 190 -1.31 37.21 8.49
N ILE B 191 -0.99 36.93 7.22
CA ILE B 191 -0.15 35.78 6.85
C ILE B 191 1.22 35.88 7.54
N ARG B 192 1.90 36.99 7.27
CA ARG B 192 3.12 37.41 7.97
C ARG B 192 3.07 37.09 9.46
N LYS B 193 1.96 37.45 10.12
CA LYS B 193 1.81 37.34 11.58
C LYS B 193 1.61 35.92 12.12
N ILE B 194 1.22 35.00 11.24
CA ILE B 194 0.96 33.61 11.65
C ILE B 194 2.24 33.04 12.22
N GLU B 195 2.11 32.47 13.40
CA GLU B 195 3.19 31.78 14.06
C GLU B 195 3.00 30.30 13.66
N ARG B 196 3.88 29.89 12.74
CA ARG B 196 3.67 28.72 11.90
C ARG B 196 4.38 27.46 12.38
N ASN B 197 5.23 27.61 13.40
CA ASN B 197 5.96 26.48 13.95
C ASN B 197 5.08 25.55 14.78
N ARG B 198 4.40 24.63 14.11
CA ARG B 198 3.37 23.77 14.69
C ARG B 198 2.73 22.92 13.61
N GLN B 199 1.88 21.98 14.02
CA GLN B 199 0.96 21.33 13.11
C GLN B 199 -0.16 22.33 12.83
N PRO B 200 -0.68 22.31 11.58
CA PRO B 200 -1.75 23.25 11.25
C PRO B 200 -3.00 23.05 12.09
N PRO B 201 -3.63 24.17 12.50
CA PRO B 201 -4.88 24.16 13.28
C PRO B 201 -6.02 23.46 12.54
N ASP B 202 -7.12 23.24 13.26
CA ASP B 202 -8.33 22.60 12.75
C ASP B 202 -8.85 23.34 11.49
N SER B 203 -8.95 24.66 11.60
CA SER B 203 -9.38 25.51 10.53
C SER B 203 -8.60 26.82 10.71
N GLY B 204 -8.99 27.87 10.00
CA GLY B 204 -8.28 29.14 10.09
C GLY B 204 -7.17 29.25 9.05
N PRO B 205 -6.58 30.47 8.92
CA PRO B 205 -5.72 30.85 7.79
C PRO B 205 -4.59 29.88 7.48
N MET B 206 -3.89 29.38 8.51
CA MET B 206 -2.83 28.38 8.31
C MET B 206 -3.32 27.05 7.69
N CYS B 207 -4.49 26.56 8.10
CA CYS B 207 -5.13 25.40 7.48
C CYS B 207 -5.43 25.70 6.01
N ASP B 208 -6.15 26.81 5.81
CA ASP B 208 -6.57 27.28 4.49
C ASP B 208 -5.41 27.34 3.49
N LEU B 209 -4.33 28.03 3.88
CA LEU B 209 -3.11 28.13 3.06
C LEU B 209 -2.59 26.77 2.58
N LEU B 210 -2.69 25.74 3.41
CA LEU B 210 -2.23 24.39 3.01
C LEU B 210 -3.32 23.56 2.33
N TRP B 211 -4.60 23.90 2.55
CA TRP B 211 -5.66 22.94 2.21
C TRP B 211 -6.76 23.34 1.23
N SER B 212 -7.04 24.64 1.08
CA SER B 212 -8.19 25.08 0.28
C SER B 212 -8.02 24.88 -1.24
N ASP B 213 -9.14 24.82 -1.96
CA ASP B 213 -9.15 24.66 -3.42
C ASP B 213 -10.08 25.68 -4.04
N PRO B 214 -9.73 26.17 -5.24
CA PRO B 214 -10.64 27.00 -6.04
C PRO B 214 -11.82 26.19 -6.58
N GLN B 215 -12.94 26.90 -6.80
CA GLN B 215 -14.11 26.36 -7.48
C GLN B 215 -14.51 27.36 -8.55
N PRO B 216 -15.08 26.86 -9.67
CA PRO B 216 -15.59 27.78 -10.71
C PRO B 216 -16.67 28.76 -10.25
N GLN B 217 -17.60 28.32 -9.40
CA GLN B 217 -18.73 29.19 -9.05
C GLN B 217 -18.41 30.14 -7.88
N ASN B 218 -19.11 31.29 -7.84
CA ASN B 218 -18.90 32.29 -6.79
C ASN B 218 -19.20 31.80 -5.37
N GLY B 219 -18.76 32.58 -4.36
CA GLY B 219 -18.90 32.24 -2.94
C GLY B 219 -17.92 31.17 -2.49
N ARG B 220 -18.19 30.58 -1.32
CA ARG B 220 -17.39 29.48 -0.77
C ARG B 220 -18.25 28.26 -0.49
N SER B 221 -17.71 27.07 -0.78
CA SER B 221 -18.37 25.79 -0.44
C SER B 221 -17.62 24.98 0.62
N ILE B 222 -18.32 24.05 1.27
CA ILE B 222 -17.67 22.98 2.03
C ILE B 222 -16.79 22.21 1.06
N SER B 223 -15.59 21.87 1.52
CA SER B 223 -14.61 21.16 0.70
C SER B 223 -14.84 19.65 0.68
N LYS B 224 -14.69 19.06 -0.49
CA LYS B 224 -14.73 17.61 -0.69
C LYS B 224 -13.60 16.86 0.06
N ARG B 225 -12.74 17.61 0.75
CA ARG B 225 -11.63 17.03 1.52
C ARG B 225 -11.92 16.92 3.02
N GLY B 226 -13.06 17.50 3.45
CA GLY B 226 -13.44 17.52 4.86
C GLY B 226 -12.68 18.56 5.66
N VAL B 227 -11.81 19.31 5.00
CA VAL B 227 -10.98 20.34 5.64
C VAL B 227 -10.98 21.63 4.81
N SER B 228 -10.94 22.79 5.48
CA SER B 228 -10.92 24.11 4.81
C SER B 228 -12.15 24.26 3.88
N CYS B 229 -11.98 24.99 2.77
CA CYS B 229 -13.11 25.32 1.89
C CYS B 229 -12.78 25.25 0.41
N GLN B 230 -13.82 25.44 -0.41
CA GLN B 230 -13.60 25.79 -1.79
C GLN B 230 -13.85 27.28 -1.91
N PHE B 231 -13.07 27.96 -2.76
CA PHE B 231 -13.22 29.41 -2.92
C PHE B 231 -13.41 29.81 -4.39
N GLY B 232 -14.36 30.71 -4.64
CA GLY B 232 -14.73 31.06 -6.01
C GLY B 232 -14.09 32.37 -6.47
N PRO B 233 -14.21 32.68 -7.78
CA PRO B 233 -13.63 33.88 -8.46
C PRO B 233 -13.75 35.17 -7.69
N ASP B 234 -14.90 35.38 -7.04
CA ASP B 234 -15.18 36.61 -6.34
C ASP B 234 -14.41 36.69 -5.03
N VAL B 235 -14.11 35.52 -4.45
CA VAL B 235 -13.28 35.42 -3.25
C VAL B 235 -11.86 35.79 -3.64
N THR B 236 -11.39 35.20 -4.75
CA THR B 236 -10.06 35.41 -5.35
C THR B 236 -9.85 36.85 -5.83
N LYS B 237 -10.77 37.31 -6.69
CA LYS B 237 -10.80 38.69 -7.22
C LYS B 237 -10.71 39.70 -6.09
N ALA B 238 -11.48 39.47 -5.02
CA ALA B 238 -11.50 40.36 -3.86
C ALA B 238 -10.13 40.42 -3.17
N PHE B 239 -9.51 39.24 -3.03
CA PHE B 239 -8.19 39.12 -2.40
C PHE B 239 -7.16 39.90 -3.20
N LEU B 240 -7.12 39.68 -4.50
CA LEU B 240 -6.15 40.33 -5.38
C LEU B 240 -6.29 41.84 -5.42
N GLU B 241 -7.52 42.31 -5.61
CA GLU B 241 -7.84 43.73 -5.63
C GLU B 241 -7.46 44.44 -4.35
N GLU B 242 -7.77 43.82 -3.20
CA GLU B 242 -7.39 44.39 -1.90
C GLU B 242 -5.90 44.15 -1.55
N ASN B 243 -5.22 43.30 -2.31
CA ASN B 243 -3.79 43.08 -2.03
C ASN B 243 -2.82 43.57 -3.13
N ASN B 244 -3.41 44.16 -4.16
CA ASN B 244 -2.64 44.81 -5.24
C ASN B 244 -1.87 43.75 -6.03
N LEU B 245 -2.43 42.54 -6.05
CA LEU B 245 -1.80 41.39 -6.65
C LEU B 245 -2.40 41.19 -8.03
N ASP B 246 -1.60 40.70 -8.96
CA ASP B 246 -2.09 40.37 -10.28
C ASP B 246 -2.78 39.00 -10.21
N TYR B 247 -2.21 38.11 -9.38
CA TYR B 247 -2.73 36.76 -9.22
C TYR B 247 -2.12 35.98 -8.05
N ILE B 248 -2.69 34.81 -7.77
CA ILE B 248 -2.11 33.86 -6.82
C ILE B 248 -1.64 32.65 -7.63
N ILE B 249 -0.56 32.02 -7.19
CA ILE B 249 -0.09 30.75 -7.77
C ILE B 249 -0.20 29.72 -6.66
N ARG B 250 -0.72 28.54 -7.00
CA ARG B 250 -0.89 27.52 -5.98
C ARG B 250 -0.76 26.13 -6.59
N SER B 251 -0.83 25.08 -5.79
CA SER B 251 -0.65 23.73 -6.32
C SER B 251 -1.75 22.84 -5.76
N HIS B 252 -1.40 21.72 -5.13
CA HIS B 252 -2.38 21.02 -4.29
C HIS B 252 -3.44 20.19 -5.04
N GLU B 253 -3.51 20.34 -6.36
CA GLU B 253 -4.45 19.58 -7.18
C GLU B 253 -3.80 19.12 -8.46
N VAL B 254 -4.05 17.85 -8.80
CA VAL B 254 -3.51 17.25 -10.00
C VAL B 254 -4.40 17.63 -11.20
N LYS B 255 -3.75 18.09 -12.27
CA LYS B 255 -4.39 18.44 -13.56
C LYS B 255 -3.74 17.66 -14.70
N ALA B 256 -4.52 17.31 -15.72
CA ALA B 256 -4.03 16.58 -16.91
C ALA B 256 -2.89 17.28 -17.64
N GLU B 257 -3.00 18.59 -17.79
CA GLU B 257 -1.96 19.41 -18.44
C GLU B 257 -0.82 19.81 -17.49
N GLY B 258 -0.94 19.44 -16.21
CA GLY B 258 0.05 19.83 -15.19
C GLY B 258 -0.16 21.24 -14.63
N TYR B 259 -1.11 21.97 -15.21
CA TYR B 259 -1.44 23.32 -14.73
C TYR B 259 -2.91 23.68 -15.05
N GLU B 260 -3.42 24.72 -14.39
CA GLU B 260 -4.75 25.24 -14.72
C GLU B 260 -4.80 26.73 -14.43
N VAL B 261 -5.48 27.47 -15.30
CA VAL B 261 -5.71 28.88 -15.10
C VAL B 261 -7.21 29.09 -14.91
N ALA B 262 -7.58 29.64 -13.76
CA ALA B 262 -8.98 29.78 -13.39
C ALA B 262 -9.20 31.15 -12.78
N HIS B 263 -10.46 31.44 -12.47
CA HIS B 263 -10.89 32.70 -11.81
C HIS B 263 -10.54 33.96 -12.60
N GLY B 264 -10.69 33.90 -13.92
CA GLY B 264 -10.40 35.04 -14.77
C GLY B 264 -8.89 35.25 -14.83
N GLY B 265 -8.16 34.12 -14.90
CA GLY B 265 -6.69 34.11 -14.92
C GLY B 265 -6.00 34.29 -13.57
N ARG B 266 -6.77 34.68 -12.55
CA ARG B 266 -6.26 35.14 -11.27
C ARG B 266 -5.78 34.06 -10.29
N CYS B 267 -6.09 32.81 -10.61
CA CYS B 267 -5.74 31.69 -9.76
C CYS B 267 -5.15 30.57 -10.61
N VAL B 268 -3.83 30.51 -10.57
CA VAL B 268 -3.04 29.55 -11.35
C VAL B 268 -2.70 28.31 -10.48
N THR B 269 -2.99 27.13 -11.01
CA THR B 269 -2.57 25.90 -10.36
C THR B 269 -1.36 25.36 -11.10
N VAL B 270 -0.35 24.88 -10.36
CA VAL B 270 0.84 24.22 -10.94
C VAL B 270 1.20 22.91 -10.18
N PHE B 271 1.38 21.82 -10.94
CA PHE B 271 1.63 20.47 -10.38
C PHE B 271 2.84 19.86 -11.09
N SER B 272 3.74 19.24 -10.31
CA SER B 272 5.07 18.89 -10.81
C SER B 272 5.44 17.41 -10.63
N ALA B 273 4.44 16.58 -10.41
CA ALA B 273 4.63 15.15 -10.23
C ALA B 273 3.94 14.47 -11.39
N PRO B 274 4.71 14.16 -12.45
CA PRO B 274 4.14 13.57 -13.69
C PRO B 274 3.81 12.12 -13.46
N ASN B 275 2.88 11.62 -14.27
CA ASN B 275 2.28 10.31 -14.05
C ASN B 275 2.22 10.01 -12.56
N TYR B 276 1.45 10.83 -11.86
CA TYR B 276 1.34 10.81 -10.42
C TYR B 276 1.01 9.41 -9.91
N CYS B 277 1.71 9.00 -8.86
CA CYS B 277 1.61 7.64 -8.31
C CYS B 277 1.71 6.55 -9.40
N ASP B 278 2.44 6.86 -10.47
CA ASP B 278 2.59 5.98 -11.64
C ASP B 278 1.29 5.61 -12.37
N GLN B 279 0.15 6.09 -11.87
CA GLN B 279 -1.16 5.76 -12.44
C GLN B 279 -1.78 6.90 -13.22
N MET B 280 -1.91 8.06 -12.58
CA MET B 280 -2.63 9.22 -13.12
C MET B 280 -2.44 9.52 -14.59
N GLY B 281 -1.27 9.17 -15.12
CA GLY B 281 -0.97 9.41 -16.54
C GLY B 281 -0.89 10.88 -16.92
N ASN B 282 -1.06 11.75 -15.92
CA ASN B 282 -1.03 13.21 -16.08
C ASN B 282 0.33 13.77 -16.50
N LYS B 283 0.33 14.90 -17.19
CA LYS B 283 1.57 15.62 -17.42
C LYS B 283 1.92 16.38 -16.15
N ALA B 284 3.16 16.85 -16.05
CA ALA B 284 3.57 17.74 -14.98
C ALA B 284 3.86 19.10 -15.60
N SER B 285 4.17 20.09 -14.77
CA SER B 285 4.64 21.39 -15.30
C SER B 285 5.42 22.21 -14.27
N TYR B 286 6.23 23.13 -14.77
CA TYR B 286 6.79 24.20 -13.96
C TYR B 286 6.53 25.53 -14.63
N ILE B 287 6.70 26.61 -13.89
CA ILE B 287 6.37 27.96 -14.34
C ILE B 287 7.62 28.85 -14.29
N HIS B 288 7.96 29.47 -15.42
CA HIS B 288 8.91 30.57 -15.41
C HIS B 288 8.19 31.91 -15.29
N LEU B 289 8.70 32.73 -14.36
CA LEU B 289 8.27 34.12 -14.11
C LEU B 289 9.49 35.04 -14.28
N GLN B 290 9.25 36.33 -14.45
CA GLN B 290 10.37 37.30 -14.53
C GLN B 290 10.01 38.74 -14.21
N GLY B 291 11.00 39.45 -13.66
CA GLY B 291 10.87 40.86 -13.30
C GLY B 291 10.36 41.71 -14.45
N SER B 292 10.65 41.27 -15.68
CA SER B 292 10.09 41.92 -16.87
C SER B 292 8.65 41.46 -17.12
N ASP B 293 8.46 40.18 -17.42
CA ASP B 293 7.10 39.63 -17.65
C ASP B 293 6.67 38.61 -16.58
N LEU B 294 5.91 39.09 -15.59
CA LEU B 294 5.45 38.25 -14.47
C LEU B 294 4.34 37.27 -14.84
N ARG B 295 4.04 37.15 -16.13
CA ARG B 295 3.03 36.21 -16.61
C ARG B 295 3.61 34.81 -16.62
N PRO B 296 2.80 33.81 -16.18
CA PRO B 296 3.32 32.47 -16.11
C PRO B 296 3.53 31.83 -17.48
N GLN B 297 4.72 31.26 -17.67
CA GLN B 297 4.99 30.44 -18.83
C GLN B 297 5.03 28.99 -18.40
N PHE B 298 4.15 28.18 -18.94
CA PHE B 298 4.04 26.80 -18.54
C PHE B 298 4.90 25.87 -19.41
N HIS B 299 5.68 25.01 -18.75
CA HIS B 299 6.54 24.06 -19.45
C HIS B 299 6.13 22.69 -18.98
N GLN B 300 5.70 21.84 -19.92
CA GLN B 300 5.16 20.51 -19.58
C GLN B 300 6.23 19.42 -19.64
N PHE B 301 5.96 18.28 -18.98
CA PHE B 301 6.87 17.12 -19.00
C PHE B 301 6.24 15.85 -18.42
N THR B 302 6.66 14.68 -18.91
CA THR B 302 6.08 13.43 -18.44
C THR B 302 7.09 12.64 -17.58
N ALA B 303 6.62 11.57 -16.92
CA ALA B 303 7.44 10.79 -16.00
C ALA B 303 8.53 9.96 -16.67
N VAL B 304 9.72 9.94 -16.06
CA VAL B 304 10.84 9.12 -16.55
C VAL B 304 10.89 7.77 -15.78
N PRO B 305 11.76 6.84 -16.21
CA PRO B 305 11.84 5.56 -15.49
C PRO B 305 12.42 5.68 -14.06
N HIS B 306 12.10 4.69 -13.23
CA HIS B 306 12.57 4.62 -11.85
C HIS B 306 12.52 3.18 -11.29
N PRO B 307 13.47 2.83 -10.40
CA PRO B 307 13.49 1.51 -9.74
C PRO B 307 12.11 1.01 -9.29
N ASN B 308 11.87 -0.28 -9.46
CA ASN B 308 10.56 -0.87 -9.19
C ASN B 308 10.14 -0.95 -7.70
N VAL B 309 9.71 0.20 -7.17
CA VAL B 309 9.09 0.27 -5.84
C VAL B 309 7.62 0.65 -6.04
N LYS B 310 6.74 0.13 -5.19
CA LYS B 310 5.33 0.49 -5.26
C LYS B 310 5.12 1.85 -4.60
N PRO B 311 4.29 2.72 -5.23
CA PRO B 311 3.88 3.97 -4.60
C PRO B 311 3.26 3.70 -3.24
N MET B 312 3.84 4.31 -2.21
CA MET B 312 3.43 4.10 -0.81
C MET B 312 3.81 2.72 -0.25
N ALA B 313 4.88 2.15 -0.78
CA ALA B 313 5.44 0.89 -0.27
C ALA B 313 6.02 1.07 1.14
N TYR B 314 5.52 2.06 1.86
CA TYR B 314 5.90 2.34 3.26
C TYR B 314 4.69 2.72 4.14
N ALA B 315 3.51 2.78 3.54
CA ALA B 315 2.30 3.16 4.27
C ALA B 315 1.67 1.97 4.98
MN MN C . -2.51 -15.43 6.16
MN MN D . -3.76 -13.94 3.34
O2 ENL E . -2.04 -13.91 4.89
O2 ENL E . -2.84 -12.65 1.89
C8 ENL E . -1.73 -12.73 5.24
C8 ENL E . -1.93 -12.07 2.51
O5 ENL E . -1.85 -12.34 6.43
O5 ENL E . -0.70 -12.26 2.29
C4 ENL E . -1.33 -11.71 4.21
C4 ENL E . -2.38 -11.08 3.50
C6 ENL E . -1.04 -12.35 2.87
C6 ENL E . -3.89 -11.16 3.51
C5 ENL E . -0.49 -11.29 1.91
C5 ENL E . -4.41 -9.81 3.97
O1 ENL E . -2.35 -12.55 2.36
O1 ENL E . -4.13 -11.91 4.68
C3 ENL E . -2.58 -10.90 3.88
C3 ENL E . -2.01 -11.37 4.96
C7 ENL E . -3.78 -11.29 4.70
C7 ENL E . -1.85 -12.80 5.37
O4 ENL E . -4.28 -12.41 4.53
O4 ENL E . -2.10 -13.75 4.59
O3 ENL E . -4.32 -10.47 5.48
O3 ENL E . -1.54 -12.96 6.56
C2 ENL E . -2.81 -11.20 2.42
C2 ENL E . -3.36 -11.17 5.59
C1 ENL E . -1.73 -10.41 1.68
C1 ENL E . -3.84 -9.75 5.37
MN MN F . -1.54 19.35 -1.14
MN MN G . 0.01 16.93 -3.17
O2 ENL H . -1.06 15.75 -4.92
C8 ENL H . -2.30 15.73 -4.83
O5 ENL H . -3.05 16.26 -5.69
C4 ENL H . -2.90 15.02 -3.67
C6 ENL H . -1.85 14.13 -3.03
C5 ENL H . -2.53 13.11 -2.12
O1 ENL H . -1.29 15.02 -2.08
C3 ENL H . -3.33 15.87 -2.48
C7 ENL H . -3.10 17.34 -2.35
O4 ENL H . -2.15 17.99 -2.84
O3 ENL H . -3.91 17.85 -1.58
C2 ENL H . -2.47 15.32 -1.36
C1 ENL H . -2.99 13.94 -0.94
#